data_1L8S
#
_entry.id   1L8S
#
_cell.length_a   65.166
_cell.length_b   65.166
_cell.length_c   62.963
_cell.angle_alpha   90.00
_cell.angle_beta   90.00
_cell.angle_gamma   120.00
#
_symmetry.space_group_name_H-M   'P 31'
#
loop_
_entity.id
_entity.type
_entity.pdbx_description
1 polymer 'PHOSPHOLIPASE A2, MAJOR ISOENZYME'
2 non-polymer 'CALCIUM ION'
3 non-polymer 'SODIUM ION'
4 non-polymer 'PHOSPHATE ION'
5 non-polymer 'ACETATE ION'
6 non-polymer 1-O-OCTADECYL-SN-GLYCERO-3-PHOSPHOCHOLINE
7 water water
#
_entity_poly.entity_id   1
_entity_poly.type   'polypeptide(L)'
_entity_poly.pdbx_seq_one_letter_code
;ALWQFRSMIKCAIPGSHPLMDFNNYGCYCGLGGSGTPVDELDRCCETHDNCYRDAKNLDSCKFLVDNPYTESYSYSCSNT
EITCNSKNNACEAFICNCDRNAAICFSKAPYNKEHKNLDTKKYC
;
_entity_poly.pdbx_strand_id   A,B
#
loop_
_chem_comp.id
_chem_comp.type
_chem_comp.name
_chem_comp.formula
ACT non-polymer 'ACETATE ION' 'C2 H3 O2 -1'
CA non-polymer 'CALCIUM ION' 'Ca 2'
LPE non-polymer 1-O-OCTADECYL-SN-GLYCERO-3-PHOSPHOCHOLINE 'C26 H57 N O6 P 1'
NA non-polymer 'SODIUM ION' 'Na 1'
PO4 non-polymer 'PHOSPHATE ION' 'O4 P -3'
#
# COMPACT_ATOMS: atom_id res chain seq x y z
N ALA A 1 -5.41 9.57 4.15
CA ALA A 1 -4.80 8.27 4.45
C ALA A 1 -4.78 7.41 3.20
N LEU A 2 -3.83 6.49 3.08
CA LEU A 2 -3.76 5.62 1.90
C LEU A 2 -5.10 4.93 1.60
N TRP A 3 -5.82 4.39 2.58
CA TRP A 3 -7.09 3.73 2.27
C TRP A 3 -8.08 4.70 1.64
N GLN A 4 -7.98 5.97 2.04
CA GLN A 4 -8.83 6.99 1.40
C GLN A 4 -8.45 7.29 -0.04
N PHE A 5 -7.16 7.35 -0.31
CA PHE A 5 -6.69 7.54 -1.69
C PHE A 5 -7.19 6.37 -2.53
N ARG A 6 -7.13 5.17 -1.91
CA ARG A 6 -7.69 4.03 -2.64
C ARG A 6 -9.17 4.27 -2.96
N SER A 7 -9.89 4.76 -1.98
CA SER A 7 -11.33 5.05 -2.15
C SER A 7 -11.54 6.05 -3.29
N MET A 8 -10.73 7.10 -3.30
CA MET A 8 -10.80 8.10 -4.36
C MET A 8 -10.57 7.56 -5.76
N ILE A 9 -9.69 6.59 -5.97
CA ILE A 9 -9.42 6.09 -7.31
C ILE A 9 -10.60 5.24 -7.79
N LYS A 10 -11.29 4.60 -6.86
CA LYS A 10 -12.53 3.89 -7.18
C LYS A 10 -13.62 4.91 -7.48
N CYS A 11 -13.55 6.05 -6.77
CA CYS A 11 -14.63 7.03 -6.97
C CYS A 11 -14.43 7.57 -8.39
N ALA A 12 -13.20 7.92 -8.73
CA ALA A 12 -12.95 8.57 -10.02
C ALA A 12 -12.98 7.55 -11.15
N ILE A 13 -12.76 6.28 -10.83
CA ILE A 13 -12.65 5.27 -11.88
C ILE A 13 -13.42 4.02 -11.38
N PRO A 14 -14.69 4.00 -11.78
CA PRO A 14 -15.69 3.00 -11.42
C PRO A 14 -15.12 1.65 -11.00
N GLY A 15 -14.95 0.71 -11.91
CA GLY A 15 -14.62 -0.65 -11.47
C GLY A 15 -13.16 -0.88 -11.22
N SER A 16 -12.39 0.15 -10.82
CA SER A 16 -10.93 0.02 -10.79
C SER A 16 -10.46 -0.95 -9.71
N HIS A 17 -9.29 -1.56 -9.86
CA HIS A 17 -8.69 -2.26 -8.70
C HIS A 17 -7.45 -1.48 -8.28
N PRO A 18 -7.55 -0.47 -7.42
CA PRO A 18 -6.42 0.49 -7.36
C PRO A 18 -5.06 -0.11 -7.09
N LEU A 19 -4.89 -0.95 -6.05
CA LEU A 19 -3.58 -1.55 -5.82
C LEU A 19 -3.15 -2.47 -6.95
N MET A 20 -4.10 -3.14 -7.60
CA MET A 20 -3.61 -4.05 -8.64
C MET A 20 -3.33 -3.28 -9.93
N ASP A 21 -3.93 -2.10 -10.09
CA ASP A 21 -3.72 -1.37 -11.34
C ASP A 21 -2.52 -0.42 -11.21
N PHE A 22 -2.42 0.28 -10.08
CA PHE A 22 -1.51 1.43 -10.09
C PHE A 22 -0.23 1.27 -9.32
N ASN A 23 -0.18 0.40 -8.30
CA ASN A 23 1.01 0.13 -7.54
C ASN A 23 2.03 -0.63 -8.39
N ASN A 24 3.30 -0.25 -8.31
CA ASN A 24 4.27 -0.91 -9.18
C ASN A 24 3.91 -0.77 -10.65
N TYR A 25 3.69 0.48 -11.05
CA TYR A 25 3.46 0.88 -12.44
C TYR A 25 4.50 1.95 -12.78
N GLY A 26 5.12 1.76 -13.93
CA GLY A 26 6.15 2.69 -14.39
C GLY A 26 7.25 2.83 -13.36
N CYS A 27 7.88 4.02 -13.35
CA CYS A 27 8.98 4.31 -12.44
C CYS A 27 8.53 4.99 -11.12
N TYR A 28 7.31 5.54 -11.11
CA TYR A 28 6.84 6.34 -9.98
C TYR A 28 5.56 5.84 -9.32
N CYS A 29 4.81 4.95 -9.98
CA CYS A 29 3.57 4.52 -9.25
C CYS A 29 3.95 3.42 -8.26
N GLY A 30 3.95 3.78 -7.00
CA GLY A 30 4.45 2.85 -5.98
C GLY A 30 5.32 3.65 -5.02
N LEU A 31 6.18 2.94 -4.31
CA LEU A 31 7.12 3.61 -3.42
C LEU A 31 8.37 3.94 -4.20
N GLY A 32 9.28 4.72 -3.60
CA GLY A 32 10.46 5.02 -4.40
C GLY A 32 10.16 6.06 -5.47
N GLY A 33 9.96 5.66 -6.72
CA GLY A 33 9.84 6.71 -7.72
C GLY A 33 11.18 7.44 -7.87
N SER A 34 11.93 7.05 -8.89
CA SER A 34 13.18 7.51 -9.39
C SER A 34 13.19 7.39 -10.92
N GLY A 35 13.96 8.19 -11.60
CA GLY A 35 14.18 8.18 -13.02
C GLY A 35 13.32 9.13 -13.83
N THR A 36 13.27 8.88 -15.13
CA THR A 36 12.41 9.56 -16.07
C THR A 36 11.07 8.84 -16.08
N PRO A 37 9.94 9.46 -15.74
CA PRO A 37 8.68 8.69 -15.69
C PRO A 37 8.32 8.16 -17.07
N VAL A 38 7.74 6.96 -17.21
CA VAL A 38 7.58 6.41 -18.56
C VAL A 38 6.36 6.81 -19.35
N ASP A 39 5.35 7.50 -18.80
CA ASP A 39 4.21 7.98 -19.56
C ASP A 39 3.43 9.04 -18.77
N GLU A 40 2.30 9.55 -19.28
CA GLU A 40 1.45 10.48 -18.56
C GLU A 40 1.04 9.93 -17.19
N LEU A 41 0.65 8.64 -17.14
CA LEU A 41 0.20 8.00 -15.91
C LEU A 41 1.31 8.03 -14.88
N ASP A 42 2.51 7.63 -15.30
CA ASP A 42 3.66 7.69 -14.41
C ASP A 42 3.84 9.12 -13.90
N ARG A 43 3.70 10.07 -14.83
CA ARG A 43 3.79 11.48 -14.40
C ARG A 43 2.75 11.81 -13.35
N CYS A 44 1.53 11.30 -13.38
CA CYS A 44 0.58 11.47 -12.31
C CYS A 44 1.19 11.05 -10.95
N CYS A 45 1.75 9.84 -10.92
CA CYS A 45 2.42 9.38 -9.72
C CYS A 45 3.58 10.25 -9.31
N GLU A 46 4.40 10.71 -10.23
CA GLU A 46 5.55 11.54 -9.85
C GLU A 46 5.03 12.87 -9.31
N THR A 47 3.96 13.39 -9.90
CA THR A 47 3.40 14.63 -9.33
C THR A 47 2.89 14.41 -7.92
N HIS A 48 2.17 13.29 -7.74
CA HIS A 48 1.71 12.89 -6.41
C HIS A 48 2.88 12.84 -5.44
N ASP A 49 4.03 12.27 -5.84
CA ASP A 49 5.15 12.18 -4.91
C ASP A 49 5.70 13.56 -4.53
N ASN A 50 5.76 14.45 -5.51
CA ASN A 50 6.18 15.83 -5.25
C ASN A 50 5.18 16.57 -4.35
N CYS A 51 3.91 16.20 -4.46
CA CYS A 51 2.87 16.84 -3.67
C CYS A 51 2.99 16.49 -2.21
N TYR A 52 3.28 15.18 -2.00
CA TYR A 52 3.47 14.79 -0.61
C TYR A 52 4.75 15.37 -0.01
N ARG A 53 5.78 15.54 -0.85
CA ARG A 53 7.01 16.15 -0.31
C ARG A 53 6.66 17.57 0.12
N ASP A 54 5.97 18.26 -0.79
CA ASP A 54 5.52 19.62 -0.45
C ASP A 54 4.65 19.66 0.79
N ALA A 55 3.88 18.61 1.02
CA ALA A 55 3.09 18.49 2.26
C ALA A 55 4.00 18.51 3.47
N LYS A 56 5.07 17.69 3.39
CA LYS A 56 5.96 17.58 4.54
C LYS A 56 6.69 18.90 4.79
N ASN A 57 6.91 19.67 3.74
CA ASN A 57 7.53 20.98 3.82
C ASN A 57 6.55 22.08 4.22
N LEU A 58 5.26 21.76 4.26
CA LEU A 58 4.23 22.77 4.49
C LEU A 58 4.20 23.14 5.96
N ASP A 59 4.27 24.43 6.29
CA ASP A 59 4.16 24.81 7.71
C ASP A 59 2.89 24.28 8.35
N SER A 60 1.77 24.24 7.61
CA SER A 60 0.52 23.74 8.16
C SER A 60 0.63 22.27 8.58
N CYS A 61 1.62 21.59 8.05
CA CYS A 61 1.81 20.16 8.37
C CYS A 61 2.92 19.95 9.37
N LYS A 62 3.40 20.99 10.08
CA LYS A 62 4.54 20.80 10.96
C LYS A 62 4.32 19.71 12.01
N PHE A 63 3.09 19.44 12.42
CA PHE A 63 2.95 18.46 13.51
C PHE A 63 2.75 17.05 12.98
N LEU A 64 2.71 16.86 11.68
CA LEU A 64 2.64 15.49 11.14
C LEU A 64 4.12 15.09 11.02
N VAL A 65 4.45 14.10 11.86
CA VAL A 65 5.78 13.49 11.84
C VAL A 65 5.81 12.20 11.02
N ASP A 66 4.73 11.44 10.92
CA ASP A 66 4.74 10.23 10.09
C ASP A 66 4.56 10.61 8.63
N ASN A 67 4.27 9.77 7.64
CA ASN A 67 4.29 10.39 6.30
C ASN A 67 2.85 10.74 5.89
N PRO A 68 2.62 11.47 4.83
CA PRO A 68 1.23 11.93 4.61
C PRO A 68 0.28 10.80 4.30
N TYR A 69 0.76 9.58 3.99
CA TYR A 69 -0.20 8.47 3.78
C TYR A 69 -0.83 8.05 5.11
N THR A 70 -0.29 8.58 6.22
CA THR A 70 -0.89 8.27 7.52
C THR A 70 -1.79 9.38 8.02
N GLU A 71 -1.96 10.44 7.22
CA GLU A 71 -2.77 11.57 7.66
C GLU A 71 -4.20 11.40 7.17
N SER A 72 -5.15 11.18 8.10
CA SER A 72 -6.52 11.05 7.61
C SER A 72 -7.10 12.44 7.35
N TYR A 73 -8.04 12.43 6.42
CA TYR A 73 -8.74 13.69 6.11
C TYR A 73 -10.23 13.40 5.98
N SER A 74 -10.99 14.42 5.56
CA SER A 74 -12.39 14.24 5.23
C SER A 74 -12.64 14.43 3.72
N TYR A 75 -13.32 13.46 3.10
CA TYR A 75 -13.63 13.50 1.68
C TYR A 75 -14.93 12.71 1.42
N SER A 76 -15.55 13.01 0.30
CA SER A 76 -16.76 12.36 -0.19
C SER A 76 -16.65 12.18 -1.69
N CYS A 77 -17.49 11.27 -2.18
CA CYS A 77 -17.58 10.96 -3.59
C CYS A 77 -19.01 11.23 -4.08
N SER A 78 -19.17 11.76 -5.28
CA SER A 78 -20.56 11.78 -5.79
C SER A 78 -20.53 11.56 -7.29
N ASN A 79 -21.09 10.40 -7.69
CA ASN A 79 -21.05 9.98 -9.07
C ASN A 79 -19.66 10.18 -9.69
N THR A 80 -18.67 9.52 -9.15
CA THR A 80 -17.30 9.60 -9.68
C THR A 80 -16.71 10.97 -9.37
N GLU A 81 -17.38 11.74 -8.53
CA GLU A 81 -16.81 13.06 -8.27
C GLU A 81 -16.31 13.11 -6.83
N ILE A 82 -14.99 13.31 -6.71
CA ILE A 82 -14.40 13.38 -5.39
C ILE A 82 -14.42 14.77 -4.77
N THR A 83 -14.78 14.77 -3.49
CA THR A 83 -14.91 15.96 -2.69
C THR A 83 -14.06 15.94 -1.44
N CYS A 84 -13.15 16.91 -1.39
CA CYS A 84 -12.39 17.14 -0.17
C CYS A 84 -13.21 18.04 0.75
N ASN A 85 -13.65 17.54 1.90
CA ASN A 85 -14.57 18.35 2.71
C ASN A 85 -13.97 19.65 3.20
N SER A 86 -14.73 20.74 3.10
CA SER A 86 -14.30 22.03 3.66
C SER A 86 -13.99 21.91 5.13
N LYS A 87 -14.57 20.94 5.85
CA LYS A 87 -14.29 20.72 7.26
C LYS A 87 -12.82 20.49 7.57
N ASN A 88 -12.04 20.10 6.57
CA ASN A 88 -10.61 19.80 6.72
C ASN A 88 -9.81 20.99 7.20
N ASN A 89 -8.95 20.85 8.23
CA ASN A 89 -7.94 21.86 8.55
C ASN A 89 -6.80 21.83 7.54
N ALA A 90 -5.81 22.70 7.69
CA ALA A 90 -4.92 23.02 6.59
C ALA A 90 -4.16 21.84 6.01
N CYS A 91 -3.46 21.13 6.88
CA CYS A 91 -2.67 19.97 6.40
C CYS A 91 -3.61 18.92 5.80
N GLU A 92 -4.77 18.71 6.44
CA GLU A 92 -5.59 17.61 5.91
C GLU A 92 -6.10 18.02 4.54
N ALA A 93 -6.43 19.33 4.43
CA ALA A 93 -6.92 19.73 3.10
C ALA A 93 -5.89 19.53 1.98
N PHE A 94 -4.64 19.92 2.26
CA PHE A 94 -3.54 19.90 1.31
C PHE A 94 -3.25 18.47 0.86
N ILE A 95 -3.20 17.55 1.82
CA ILE A 95 -3.01 16.13 1.53
C ILE A 95 -4.25 15.54 0.86
N CYS A 96 -5.44 16.01 1.30
CA CYS A 96 -6.62 15.59 0.53
C CYS A 96 -6.52 16.00 -0.95
N ASN A 97 -6.02 17.22 -1.17
CA ASN A 97 -5.95 17.73 -2.53
C ASN A 97 -4.89 16.98 -3.32
N CYS A 98 -3.79 16.56 -2.71
CA CYS A 98 -2.82 15.77 -3.46
C CYS A 98 -3.46 14.48 -3.98
N ASP A 99 -4.19 13.84 -3.04
CA ASP A 99 -4.77 12.55 -3.47
C ASP A 99 -5.85 12.76 -4.54
N ARG A 100 -6.67 13.80 -4.35
CA ARG A 100 -7.70 14.05 -5.37
C ARG A 100 -7.08 14.31 -6.74
N ASN A 101 -6.07 15.19 -6.80
CA ASN A 101 -5.44 15.57 -8.05
C ASN A 101 -4.91 14.34 -8.80
N ALA A 102 -4.23 13.45 -8.05
CA ALA A 102 -3.70 12.21 -8.64
C ALA A 102 -4.87 11.30 -9.02
N ALA A 103 -5.93 11.22 -8.22
CA ALA A 103 -7.09 10.40 -8.59
C ALA A 103 -7.69 10.78 -9.94
N ILE A 104 -7.93 12.06 -10.15
CA ILE A 104 -8.39 12.52 -11.46
C ILE A 104 -7.39 12.22 -12.55
N CYS A 105 -6.10 12.48 -12.30
CA CYS A 105 -5.02 12.32 -13.24
C CYS A 105 -4.95 10.88 -13.74
N PHE A 106 -5.05 9.95 -12.76
CA PHE A 106 -5.12 8.56 -13.19
C PHE A 106 -6.27 8.32 -14.17
N SER A 107 -7.41 8.96 -13.86
CA SER A 107 -8.56 8.60 -14.71
C SER A 107 -8.37 9.13 -16.13
N LYS A 108 -7.67 10.24 -16.30
CA LYS A 108 -7.60 10.77 -17.67
C LYS A 108 -6.42 10.26 -18.45
N ALA A 109 -5.41 9.71 -17.75
CA ALA A 109 -4.24 9.32 -18.51
C ALA A 109 -4.41 7.95 -19.15
N PRO A 110 -3.77 7.70 -20.28
CA PRO A 110 -3.92 6.35 -20.84
C PRO A 110 -3.23 5.34 -19.92
N TYR A 111 -3.82 4.16 -19.81
CA TYR A 111 -3.19 3.05 -19.10
C TYR A 111 -2.42 2.17 -20.08
N ASN A 112 -1.11 2.04 -19.92
CA ASN A 112 -0.24 1.28 -20.81
C ASN A 112 0.20 -0.02 -20.11
N LYS A 113 -0.43 -1.13 -20.47
CA LYS A 113 -0.21 -2.40 -19.79
C LYS A 113 1.25 -2.80 -19.70
N GLU A 114 1.99 -2.43 -20.74
CA GLU A 114 3.36 -2.84 -20.95
C GLU A 114 4.32 -2.11 -19.99
N HIS A 115 3.75 -1.07 -19.35
CA HIS A 115 4.50 -0.31 -18.35
C HIS A 115 4.31 -0.83 -16.95
N LYS A 116 3.46 -1.84 -16.77
CA LYS A 116 3.18 -2.40 -15.46
C LYS A 116 4.35 -3.27 -15.00
N ASN A 117 4.72 -3.20 -13.73
CA ASN A 117 5.75 -4.11 -13.22
C ASN A 117 7.03 -4.10 -14.05
N LEU A 118 7.58 -2.91 -14.33
CA LEU A 118 8.89 -2.80 -14.93
C LEU A 118 10.01 -3.32 -14.04
N ASP A 119 11.17 -3.56 -14.65
CA ASP A 119 12.40 -3.73 -13.90
C ASP A 119 13.04 -2.35 -13.67
N THR A 120 12.63 -1.77 -12.57
CA THR A 120 13.01 -0.43 -12.12
C THR A 120 14.51 -0.31 -11.99
N LYS A 121 15.21 -1.40 -11.64
CA LYS A 121 16.66 -1.32 -11.52
C LYS A 121 17.35 -1.09 -12.85
N LYS A 122 16.74 -1.66 -13.87
CA LYS A 122 17.25 -1.51 -15.23
C LYS A 122 16.86 -0.15 -15.81
N TYR A 123 15.57 0.19 -15.76
CA TYR A 123 14.94 1.23 -16.58
C TYR A 123 14.55 2.46 -15.78
N CYS A 124 14.70 2.62 -14.50
CA CYS A 124 14.27 3.85 -13.80
C CYS A 124 15.42 4.60 -13.17
N ALA B 1 1.86 -10.56 -4.77
CA ALA B 1 1.95 -9.09 -4.94
C ALA B 1 1.07 -8.41 -3.93
N LEU B 2 1.23 -7.10 -3.67
CA LEU B 2 0.46 -6.50 -2.58
C LEU B 2 -1.06 -6.64 -2.71
N TRP B 3 -1.64 -6.50 -3.91
CA TRP B 3 -3.10 -6.61 -3.99
C TRP B 3 -3.57 -8.01 -3.58
N GLN B 4 -2.68 -9.00 -3.85
CA GLN B 4 -3.15 -10.35 -3.44
C GLN B 4 -3.08 -10.53 -1.95
N PHE B 5 -2.15 -9.82 -1.30
CA PHE B 5 -2.05 -9.84 0.17
C PHE B 5 -3.33 -9.23 0.76
N ARG B 6 -3.71 -8.07 0.21
CA ARG B 6 -4.99 -7.46 0.59
C ARG B 6 -6.15 -8.45 0.47
N SER B 7 -6.22 -9.13 -0.65
CA SER B 7 -7.31 -10.08 -0.96
C SER B 7 -7.23 -11.28 -0.02
N MET B 8 -6.01 -11.69 0.32
CA MET B 8 -5.92 -12.73 1.33
C MET B 8 -6.47 -12.25 2.66
N ILE B 9 -6.24 -10.98 3.01
CA ILE B 9 -6.74 -10.52 4.29
C ILE B 9 -8.26 -10.53 4.26
N LYS B 10 -8.83 -10.10 3.16
CA LYS B 10 -10.29 -10.10 2.98
C LYS B 10 -10.85 -11.50 3.17
N CYS B 11 -10.05 -12.47 2.73
CA CYS B 11 -10.40 -13.88 2.78
C CYS B 11 -10.50 -14.36 4.23
N ALA B 12 -9.37 -14.33 4.91
CA ALA B 12 -9.23 -14.74 6.30
C ALA B 12 -10.16 -13.96 7.23
N ILE B 13 -10.44 -12.71 6.86
CA ILE B 13 -11.17 -11.80 7.74
C ILE B 13 -12.25 -11.09 6.93
N PRO B 14 -13.36 -11.79 6.68
CA PRO B 14 -14.44 -11.28 5.83
C PRO B 14 -14.90 -9.88 6.24
N GLY B 15 -14.90 -9.57 7.54
CA GLY B 15 -15.18 -8.17 7.80
C GLY B 15 -14.14 -7.15 7.42
N SER B 16 -13.01 -7.50 6.79
CA SER B 16 -11.84 -6.63 6.68
C SER B 16 -11.91 -5.43 5.74
N HIS B 17 -11.32 -4.32 6.16
CA HIS B 17 -10.80 -3.23 5.33
C HIS B 17 -9.28 -3.16 5.56
N PRO B 18 -8.54 -3.99 4.83
CA PRO B 18 -7.15 -4.23 5.23
C PRO B 18 -6.27 -3.00 5.28
N LEU B 19 -6.29 -2.08 4.30
CA LEU B 19 -5.41 -0.91 4.42
C LEU B 19 -5.83 -0.09 5.63
N MET B 20 -7.13 0.26 5.63
CA MET B 20 -7.67 1.06 6.73
C MET B 20 -7.35 0.43 8.09
N ASP B 21 -7.58 -0.87 8.17
CA ASP B 21 -7.34 -1.66 9.38
C ASP B 21 -5.86 -1.84 9.68
N PHE B 22 -5.15 -2.61 8.86
CA PHE B 22 -3.78 -3.00 9.20
C PHE B 22 -2.69 -2.11 8.67
N ASN B 23 -2.93 -1.03 7.90
CA ASN B 23 -1.79 -0.21 7.52
C ASN B 23 -1.61 0.81 8.66
N ASN B 24 -0.38 1.20 8.93
CA ASN B 24 -0.15 2.22 9.95
C ASN B 24 -0.80 1.78 11.26
N TYR B 25 -0.39 0.64 11.76
CA TYR B 25 -0.71 0.14 13.07
C TYR B 25 0.63 -0.24 13.71
N GLY B 26 0.78 0.08 14.98
CA GLY B 26 1.98 -0.31 15.73
C GLY B 26 3.24 0.18 15.07
N CYS B 27 4.31 -0.61 15.28
CA CYS B 27 5.63 -0.19 14.78
C CYS B 27 5.99 -0.92 13.49
N TYR B 28 5.33 -2.04 13.16
CA TYR B 28 5.74 -2.82 11.99
C TYR B 28 4.68 -2.92 10.88
N CYS B 29 3.41 -2.69 11.21
CA CYS B 29 2.37 -2.84 10.17
C CYS B 29 2.37 -1.50 9.43
N GLY B 30 3.23 -1.40 8.43
CA GLY B 30 3.46 -0.18 7.67
C GLY B 30 4.89 -0.13 7.15
N LEU B 31 5.25 0.96 6.48
CA LEU B 31 6.53 1.25 5.85
C LEU B 31 7.69 0.59 6.58
N GLY B 32 7.98 -0.68 6.31
CA GLY B 32 9.01 -1.35 7.13
C GLY B 32 8.60 -1.31 8.61
N GLY B 33 9.52 -0.88 9.47
CA GLY B 33 9.41 -0.66 10.87
C GLY B 33 10.70 -0.88 11.63
N SER B 34 10.69 -0.73 12.94
CA SER B 34 11.80 -0.92 13.85
C SER B 34 11.30 -0.82 15.29
N GLY B 35 12.07 -1.07 16.32
CA GLY B 35 11.59 -0.93 17.69
C GLY B 35 10.97 -2.22 18.20
N THR B 36 10.37 -2.26 19.39
CA THR B 36 9.72 -3.42 19.93
C THR B 36 8.28 -3.49 19.43
N PRO B 37 7.87 -4.57 18.76
CA PRO B 37 6.45 -4.72 18.43
C PRO B 37 5.54 -4.50 19.63
N VAL B 38 4.47 -3.75 19.41
CA VAL B 38 3.63 -3.30 20.52
C VAL B 38 2.59 -4.29 20.99
N ASP B 39 2.38 -5.37 20.23
CA ASP B 39 1.41 -6.40 20.61
C ASP B 39 1.50 -7.56 19.63
N GLU B 40 0.65 -8.57 19.79
CA GLU B 40 0.76 -9.77 18.97
C GLU B 40 0.58 -9.43 17.49
N LEU B 41 -0.46 -8.63 17.18
CA LEU B 41 -0.77 -8.28 15.79
C LEU B 41 0.43 -7.59 15.13
N ASP B 42 1.01 -6.66 15.86
CA ASP B 42 2.24 -6.02 15.44
C ASP B 42 3.39 -7.02 15.23
N ARG B 43 3.41 -8.09 16.04
CA ARG B 43 4.45 -9.11 15.79
C ARG B 43 4.10 -9.88 14.53
N CYS B 44 2.82 -9.99 14.18
CA CYS B 44 2.48 -10.60 12.89
C CYS B 44 3.21 -9.86 11.75
N CYS B 45 3.28 -8.54 11.94
CA CYS B 45 3.83 -7.72 10.84
C CYS B 45 5.34 -7.82 10.83
N GLU B 46 5.92 -7.83 12.04
CA GLU B 46 7.40 -7.98 12.06
C GLU B 46 7.77 -9.29 11.36
N THR B 47 7.05 -10.35 11.74
CA THR B 47 7.29 -11.66 11.11
C THR B 47 7.19 -11.56 9.60
N HIS B 48 6.18 -10.87 9.05
CA HIS B 48 6.05 -10.79 7.61
C HIS B 48 7.20 -10.02 6.96
N ASP B 49 7.65 -8.98 7.68
CA ASP B 49 8.83 -8.22 7.23
C ASP B 49 10.03 -9.16 7.16
N ASN B 50 10.25 -9.90 8.24
CA ASN B 50 11.34 -10.88 8.25
C ASN B 50 11.21 -11.88 7.09
N CYS B 51 10.01 -12.41 6.86
CA CYS B 51 9.79 -13.41 5.82
C CYS B 51 10.13 -12.79 4.48
N TYR B 52 9.73 -11.52 4.26
CA TYR B 52 10.12 -10.82 3.05
C TYR B 52 11.63 -10.64 2.92
N ARG B 53 12.28 -10.40 4.05
CA ARG B 53 13.75 -10.29 4.01
C ARG B 53 14.37 -11.64 3.61
N ASP B 54 13.75 -12.68 4.17
CA ASP B 54 14.20 -14.05 3.85
C ASP B 54 14.01 -14.31 2.35
N ALA B 55 12.82 -14.05 1.84
CA ALA B 55 12.63 -14.12 0.39
C ALA B 55 13.66 -13.36 -0.44
N LYS B 56 13.97 -12.12 -0.06
CA LYS B 56 14.98 -11.35 -0.73
C LYS B 56 16.33 -12.06 -0.75
N ASN B 57 16.56 -12.95 0.20
CA ASN B 57 17.88 -13.59 0.23
C ASN B 57 17.82 -15.05 -0.21
N LEU B 58 16.64 -15.57 -0.55
CA LEU B 58 16.46 -16.98 -0.95
C LEU B 58 16.94 -17.23 -2.36
N ASP B 59 17.82 -18.20 -2.60
CA ASP B 59 18.38 -18.48 -3.93
C ASP B 59 17.30 -18.53 -5.01
N SER B 60 16.17 -19.17 -4.73
CA SER B 60 15.15 -19.33 -5.76
C SER B 60 14.52 -17.97 -6.15
N CYS B 61 14.63 -16.98 -5.28
CA CYS B 61 14.13 -15.64 -5.68
C CYS B 61 15.26 -14.81 -6.25
N LYS B 62 16.37 -15.43 -6.72
CA LYS B 62 17.52 -14.62 -7.07
C LYS B 62 17.26 -13.71 -8.28
N PHE B 63 16.21 -13.96 -9.04
CA PHE B 63 15.89 -13.13 -10.21
C PHE B 63 14.77 -12.15 -9.83
N LEU B 64 14.31 -12.26 -8.60
CA LEU B 64 13.36 -11.25 -8.14
C LEU B 64 14.17 -10.03 -7.69
N VAL B 65 14.28 -8.98 -8.51
CA VAL B 65 15.12 -7.86 -8.08
C VAL B 65 14.33 -6.76 -7.37
N ASP B 66 13.12 -6.42 -7.73
CA ASP B 66 12.24 -5.56 -6.95
C ASP B 66 11.75 -6.21 -5.65
N ASN B 67 10.96 -5.46 -4.91
CA ASN B 67 10.45 -5.91 -3.61
C ASN B 67 9.42 -7.03 -3.76
N PRO B 68 9.33 -7.94 -2.78
CA PRO B 68 8.38 -9.06 -2.87
C PRO B 68 6.91 -8.67 -3.05
N TYR B 69 6.49 -7.47 -2.75
CA TYR B 69 5.15 -6.99 -3.08
C TYR B 69 4.92 -6.94 -4.59
N THR B 70 5.94 -6.96 -5.43
CA THR B 70 5.77 -6.93 -6.87
C THR B 70 5.71 -8.32 -7.49
N GLU B 71 5.85 -9.35 -6.63
CA GLU B 71 5.83 -10.70 -7.19
C GLU B 71 4.43 -11.29 -7.26
N SER B 72 4.01 -11.65 -8.46
CA SER B 72 2.72 -12.25 -8.67
C SER B 72 2.75 -13.72 -8.26
N TYR B 73 1.67 -14.15 -7.63
CA TYR B 73 1.62 -15.59 -7.31
C TYR B 73 0.20 -16.09 -7.56
N SER B 74 0.00 -17.39 -7.43
CA SER B 74 -1.38 -17.83 -7.62
C SER B 74 -1.88 -18.30 -6.26
N TYR B 75 -3.06 -17.85 -5.85
CA TYR B 75 -3.59 -18.27 -4.53
C TYR B 75 -5.09 -18.45 -4.64
N SER B 76 -5.75 -19.15 -3.73
CA SER B 76 -7.22 -19.15 -3.85
C SER B 76 -7.87 -18.97 -2.49
N CYS B 77 -9.03 -18.30 -2.51
CA CYS B 77 -9.83 -18.11 -1.32
C CYS B 77 -11.17 -18.87 -1.39
N SER B 78 -11.45 -19.54 -0.30
CA SER B 78 -12.63 -20.42 -0.28
C SER B 78 -12.93 -20.72 1.17
N ASN B 79 -14.08 -20.25 1.69
CA ASN B 79 -14.41 -20.59 3.07
C ASN B 79 -13.35 -20.14 4.08
N THR B 80 -12.84 -18.91 3.97
CA THR B 80 -12.01 -18.34 5.03
C THR B 80 -10.60 -18.93 5.03
N GLU B 81 -10.37 -19.93 4.21
CA GLU B 81 -9.20 -20.73 3.93
C GLU B 81 -8.47 -20.23 2.67
N ILE B 82 -7.18 -20.04 2.90
CA ILE B 82 -6.27 -19.57 1.89
C ILE B 82 -5.39 -20.70 1.36
N THR B 83 -5.36 -20.81 0.05
CA THR B 83 -4.47 -21.84 -0.47
C THR B 83 -3.45 -21.32 -1.46
N CYS B 84 -2.18 -21.45 -1.07
CA CYS B 84 -1.15 -21.12 -2.04
C CYS B 84 -1.04 -22.28 -3.02
N ASN B 85 -1.48 -22.03 -4.23
CA ASN B 85 -1.46 -23.02 -5.30
C ASN B 85 -0.19 -23.86 -5.33
N SER B 86 -0.36 -25.19 -5.32
CA SER B 86 0.83 -26.05 -5.35
C SER B 86 1.60 -25.93 -6.65
N LYS B 87 1.02 -25.33 -7.67
CA LYS B 87 1.66 -25.06 -8.96
C LYS B 87 2.72 -23.95 -8.89
N ASN B 88 2.68 -23.11 -7.87
CA ASN B 88 3.60 -21.97 -7.79
C ASN B 88 5.06 -22.39 -7.95
N ASN B 89 5.87 -21.65 -8.70
CA ASN B 89 7.32 -21.92 -8.65
C ASN B 89 7.88 -21.52 -7.29
N ALA B 90 9.12 -21.87 -6.94
CA ALA B 90 9.57 -21.82 -5.57
C ALA B 90 9.51 -20.40 -4.98
N CYS B 91 9.94 -19.37 -5.70
CA CYS B 91 9.92 -18.01 -5.17
C CYS B 91 8.46 -17.57 -4.95
N GLU B 92 7.66 -17.77 -5.97
CA GLU B 92 6.22 -17.46 -5.90
C GLU B 92 5.59 -18.12 -4.67
N ALA B 93 5.88 -19.43 -4.53
CA ALA B 93 5.31 -20.14 -3.39
C ALA B 93 5.78 -19.59 -2.06
N PHE B 94 7.06 -19.19 -2.00
CA PHE B 94 7.60 -18.73 -0.72
C PHE B 94 6.86 -17.46 -0.30
N ILE B 95 6.73 -16.54 -1.28
CA ILE B 95 6.17 -15.23 -0.91
C ILE B 95 4.68 -15.33 -0.60
N CYS B 96 3.95 -16.03 -1.48
CA CYS B 96 2.56 -16.41 -1.17
C CYS B 96 2.42 -16.95 0.25
N ASN B 97 3.26 -17.88 0.68
CA ASN B 97 3.21 -18.34 2.07
C ASN B 97 3.56 -17.29 3.11
N CYS B 98 4.50 -16.37 2.85
CA CYS B 98 4.69 -15.27 3.79
C CYS B 98 3.37 -14.50 4.02
N ASP B 99 2.73 -14.23 2.89
CA ASP B 99 1.46 -13.47 2.90
C ASP B 99 0.32 -14.21 3.63
N ARG B 100 0.11 -15.47 3.27
CA ARG B 100 -0.86 -16.39 3.87
C ARG B 100 -0.65 -16.55 5.36
N ASN B 101 0.62 -16.73 5.75
CA ASN B 101 0.94 -16.78 7.18
C ASN B 101 0.53 -15.50 7.93
N ALA B 102 0.73 -14.37 7.20
CA ALA B 102 0.42 -13.09 7.83
C ALA B 102 -1.07 -12.80 8.00
N ALA B 103 -1.85 -13.07 6.99
CA ALA B 103 -3.32 -12.91 7.04
C ALA B 103 -3.90 -13.79 8.15
N ILE B 104 -3.37 -15.02 8.19
CA ILE B 104 -3.80 -15.96 9.22
C ILE B 104 -3.48 -15.41 10.61
N CYS B 105 -2.24 -14.92 10.72
CA CYS B 105 -1.81 -14.36 11.99
C CYS B 105 -2.71 -13.16 12.30
N PHE B 106 -3.03 -12.31 11.33
CA PHE B 106 -3.93 -11.18 11.54
C PHE B 106 -5.35 -11.59 11.97
N SER B 107 -5.79 -12.73 11.43
CA SER B 107 -7.08 -13.25 11.80
C SER B 107 -7.10 -13.81 13.23
N LYS B 108 -5.99 -14.10 13.86
CA LYS B 108 -5.91 -14.68 15.18
C LYS B 108 -5.63 -13.65 16.25
N ALA B 109 -4.96 -12.55 15.90
CA ALA B 109 -4.46 -11.64 16.92
C ALA B 109 -5.49 -10.56 17.25
N PRO B 110 -5.57 -10.14 18.51
CA PRO B 110 -6.45 -9.03 18.91
C PRO B 110 -6.06 -7.75 18.18
N TYR B 111 -7.13 -6.99 17.92
CA TYR B 111 -6.90 -5.67 17.31
C TYR B 111 -7.12 -4.65 18.42
N ASN B 112 -6.11 -3.84 18.65
CA ASN B 112 -6.11 -2.89 19.75
C ASN B 112 -6.04 -1.47 19.18
N LYS B 113 -7.21 -0.83 19.04
CA LYS B 113 -7.26 0.44 18.32
C LYS B 113 -6.42 1.54 18.97
N GLU B 114 -6.03 1.47 20.23
CA GLU B 114 -5.07 2.46 20.72
C GLU B 114 -3.67 2.23 20.13
N HIS B 115 -3.47 1.14 19.36
CA HIS B 115 -2.15 0.91 18.76
C HIS B 115 -2.11 1.39 17.31
N LYS B 116 -3.21 1.90 16.75
CA LYS B 116 -3.25 2.38 15.39
C LYS B 116 -2.55 3.74 15.25
N ASN B 117 -1.87 4.00 14.16
CA ASN B 117 -1.37 5.36 13.90
C ASN B 117 -0.50 5.85 15.04
N LEU B 118 0.51 5.03 15.33
CA LEU B 118 1.42 5.44 16.41
C LEU B 118 2.34 6.52 15.86
N ASP B 119 2.85 7.39 16.73
CA ASP B 119 3.94 8.29 16.35
C ASP B 119 5.17 7.40 16.39
N THR B 120 5.62 6.89 15.27
CA THR B 120 6.67 5.86 15.31
C THR B 120 8.03 6.43 15.65
N LYS B 121 8.26 7.71 15.31
CA LYS B 121 9.57 8.23 15.76
C LYS B 121 9.62 8.30 17.28
N LYS B 122 8.46 8.46 17.93
CA LYS B 122 8.42 8.69 19.37
C LYS B 122 8.31 7.37 20.15
N TYR B 123 7.65 6.38 19.49
CA TYR B 123 7.41 5.17 20.28
C TYR B 123 8.05 3.95 19.67
N CYS B 124 8.68 4.02 18.53
CA CYS B 124 9.20 2.76 17.96
C CYS B 124 10.73 2.72 17.97
CA CA C . 6.72 6.98 -6.03
NA NA D . 0.21 -4.66 -5.97
P PO4 E . -7.19 -3.54 -5.13
O1 PO4 E . -6.93 -4.41 -3.96
O2 PO4 E . -6.86 -2.14 -4.71
O3 PO4 E . -8.65 -3.54 -5.48
O4 PO4 E . -6.42 -3.98 -6.27
P PO4 F . 0.97 7.96 -23.09
O1 PO4 F . 0.08 8.70 -24.06
O2 PO4 F . 1.94 7.20 -23.92
O3 PO4 F . 0.13 6.94 -22.40
O4 PO4 F . 1.60 8.90 -22.17
P PO4 G . -13.07 -4.35 -2.56
O1 PO4 G . -13.15 -4.63 -1.11
O2 PO4 G . -12.86 -2.89 -2.75
O3 PO4 G . -14.30 -4.82 -3.24
O4 PO4 G . -11.92 -5.11 -3.14
C ACT H . 2.36 7.66 -6.19
O ACT H . 3.27 6.84 -6.30
OXT ACT H . 2.49 8.83 -5.85
CH3 ACT H . 0.96 7.22 -6.51
CA CA I . 6.44 -3.40 8.08
P PO4 J . -9.12 -1.14 2.20
O1 PO4 J . -9.16 -0.13 1.09
O2 PO4 J . -7.90 -1.98 1.91
O3 PO4 J . -10.37 -1.96 2.11
O4 PO4 J . -9.06 -0.48 3.50
P PO4 K . -2.04 -8.38 22.84
O1 PO4 K . -1.78 -7.24 23.73
O2 PO4 K . -2.45 -9.56 23.70
O3 PO4 K . -0.77 -8.78 22.17
O4 PO4 K . -3.11 -8.15 21.86
C1 LPE L . 12.98 -1.97 4.53
O1 LPE L . 11.96 -2.55 3.77
C2 LPE L . 14.33 -2.27 3.89
O2H LPE L . 14.13 -2.88 2.60
C3 LPE L . 15.09 -0.98 3.70
C11 LPE L . 10.71 -1.92 4.01
C12 LPE L . 10.06 -1.63 2.67
O3 LPE L . 16.47 -1.27 3.69
P LPE L . 17.48 -0.59 2.64
O31 LPE L . 16.92 -0.78 1.25
O32 LPE L . 17.84 0.79 3.13
O33 LPE L . 18.80 -1.51 2.77
C31 LPE L . 20.07 -1.01 2.33
C32 LPE L . 20.87 -2.25 1.90
N LPE L . 22.24 -1.79 1.53
C1N LPE L . 23.24 -2.48 2.36
C2N LPE L . 22.50 -2.09 0.11
C3N LPE L . 22.34 -0.33 1.74
C13 LPE L . 8.54 -1.68 2.86
C14 LPE L . 7.93 -0.64 1.89
C15 LPE L . 6.62 -1.31 1.31
C16 LPE L . 5.67 -0.19 0.85
C17 LPE L . 5.25 -0.44 -0.60
C18 LPE L . 3.83 0.12 -0.79
C19 LPE L . 2.83 -0.83 -0.24
C20 LPE L . 2.95 -0.82 1.31
C20 LPE L . 1.82 -0.06 0.58
C21 LPE L . 2.24 -2.06 1.83
C21 LPE L . 1.74 -0.59 2.00
C22 LPE L . 1.80 -1.80 3.26
C22 LPE L . 1.16 -2.00 2.05
C23 LPE L . 0.35 -2.27 3.43
C23 LPE L . -0.03 -2.04 3.01
C24 LPE L . 0.35 -3.68 4.00
C24 LPE L . -0.46 -3.48 3.24
C25 LPE L . -0.88 -3.87 4.89
C25 LPE L . -1.67 -3.53 4.16
C26 LPE L . -1.64 -5.11 4.43
C26 LPE L . -1.39 -4.53 5.27
C27 LPE L . -2.90 -4.68 3.69
C27 LPE L . -0.44 -3.92 6.30
C28 LPE L . -2.92 -5.19 2.26
C28 LPE L . 0.67 -4.90 6.63
#